data_7O9G
#
_entry.id   7O9G
#
_cell.length_a   48.630
_cell.length_b   38.200
_cell.length_c   78.440
_cell.angle_alpha   90.00
_cell.angle_beta   96.27
_cell.angle_gamma   90.00
#
_symmetry.space_group_name_H-M   'P 1 21 1'
#
loop_
_entity.id
_entity.type
_entity.pdbx_description
1 polymer 'Signal recognition particle protein'
2 non-polymer "GUANOSINE-5',3'-TETRAPHOSPHATE"
3 non-polymer 'MAGNESIUM ION'
4 water water
#
_entity_poly.entity_id   1
_entity_poly.type   'polypeptide(L)'
_entity_poly.pdbx_seq_one_letter_code
;MGFDNLTDRLSRTLRNISGRGRLTEDNVKDTLREVRMALLEADVALPVVREFINRVKEKAVGHEVNKSLTPGQEFVKIVR
NELVAAMGEENQTLNLAAQPPAVVLMAGLQGAGKTTSVGKLGKFLREKHKKKVLVVSADVYRPAAIKQLETLAEQVGVDF
FPSDVGQKPVDIVNAALKEAKLKFYDVLLVDTAGRLHVDEAMMDEIKQVHASINPVETLFVVDAMTGQDAANTAKAFNEA
LPLTGVVLTKVDGDARGGAALSIRHITGKPIKFLGVGEKTEALEPFHPDRIASRILGMGDHHHHHH
;
_entity_poly.pdbx_strand_id   A
#
# COMPACT_ATOMS: atom_id res chain seq x y z
N ASP A 4 -0.53 12.81 -12.73
CA ASP A 4 -1.19 13.26 -11.50
C ASP A 4 -1.22 14.77 -11.46
N ASN A 5 -2.20 15.34 -10.76
CA ASN A 5 -2.21 16.80 -10.61
C ASN A 5 -1.22 17.26 -9.55
N LEU A 6 -0.87 16.41 -8.60
CA LEU A 6 0.18 16.78 -7.62
C LEU A 6 1.52 16.90 -8.35
N THR A 7 1.78 16.02 -9.31
CA THR A 7 3.10 16.04 -9.97
C THR A 7 3.28 17.39 -10.68
N ASP A 8 2.25 17.84 -11.40
CA ASP A 8 2.36 19.11 -12.15
C ASP A 8 2.55 20.28 -11.20
N ARG A 9 1.77 20.32 -10.13
CA ARG A 9 1.84 21.48 -9.22
C ARG A 9 3.21 21.56 -8.55
N LEU A 10 3.69 20.44 -8.02
CA LEU A 10 4.97 20.47 -7.28
C LEU A 10 6.10 20.72 -8.26
N SER A 11 6.03 20.09 -9.43
CA SER A 11 7.14 20.24 -10.39
C SER A 11 7.27 21.70 -10.83
N ARG A 12 6.14 22.37 -11.10
CA ARG A 12 6.18 23.81 -11.47
C ARG A 12 6.70 24.64 -10.30
N THR A 13 6.23 24.38 -9.08
CA THR A 13 6.63 25.23 -7.94
C THR A 13 8.13 25.09 -7.73
N LEU A 14 8.62 23.85 -7.80
CA LEU A 14 10.07 23.57 -7.60
C LEU A 14 10.91 24.09 -8.78
N ARG A 15 10.38 24.02 -10.01
CA ARG A 15 11.21 24.40 -11.19
C ARG A 15 11.65 25.86 -11.07
N ASN A 16 10.75 26.74 -10.63
CA ASN A 16 11.15 28.17 -10.58
C ASN A 16 12.30 28.33 -9.59
N ILE A 17 12.25 27.64 -8.45
CA ILE A 17 13.31 27.76 -7.40
C ILE A 17 14.65 27.18 -7.88
N SER A 18 14.63 26.14 -8.71
CA SER A 18 15.89 25.45 -9.08
C SER A 18 16.88 26.40 -9.76
N GLY A 19 16.38 27.25 -10.64
CA GLY A 19 17.26 28.19 -11.37
C GLY A 19 17.95 29.17 -10.45
N ARG A 20 17.27 29.63 -9.39
CA ARG A 20 17.84 30.71 -8.55
C ARG A 20 19.19 30.31 -7.97
N GLY A 21 20.15 31.24 -7.96
CA GLY A 21 21.49 30.97 -7.41
C GLY A 21 21.58 31.24 -5.93
N ARG A 22 20.56 31.89 -5.36
CA ARG A 22 20.51 32.08 -3.90
C ARG A 22 19.05 32.18 -3.51
N LEU A 23 18.69 31.72 -2.32
CA LEU A 23 17.27 31.71 -1.92
C LEU A 23 17.08 32.54 -0.65
N THR A 24 16.26 33.58 -0.73
CA THR A 24 15.97 34.42 0.45
C THR A 24 15.07 33.61 1.38
N GLU A 25 15.06 33.94 2.66
CA GLU A 25 14.24 33.17 3.63
C GLU A 25 12.79 33.31 3.19
N ASP A 26 12.41 34.49 2.73
CA ASP A 26 11.03 34.70 2.21
C ASP A 26 10.81 33.80 1.00
N ASN A 27 11.82 33.66 0.14
CA ASN A 27 11.69 32.80 -1.06
C ASN A 27 11.43 31.37 -0.62
N VAL A 28 12.16 30.90 0.39
CA VAL A 28 11.96 29.51 0.90
C VAL A 28 10.58 29.37 1.53
N LYS A 29 10.17 30.35 2.34
CA LYS A 29 8.86 30.27 3.04
C LYS A 29 7.74 30.26 2.02
N ASP A 30 7.84 31.11 1.01
CA ASP A 30 6.76 31.25 0.00
C ASP A 30 6.62 29.93 -0.75
N THR A 31 7.74 29.30 -1.10
CA THR A 31 7.71 28.04 -1.87
C THR A 31 7.07 26.92 -1.02
N LEU A 32 7.39 26.89 0.27
CA LEU A 32 6.85 25.85 1.17
C LEU A 32 5.34 25.98 1.31
N ARG A 33 4.83 27.21 1.36
CA ARG A 33 3.37 27.44 1.48
C ARG A 33 2.67 26.90 0.23
N GLU A 34 3.27 27.12 -0.93
CA GLU A 34 2.70 26.57 -2.19
C GLU A 34 2.75 25.04 -2.14
N VAL A 35 3.83 24.46 -1.63
CA VAL A 35 3.95 22.98 -1.52
C VAL A 35 2.88 22.46 -0.54
N ARG A 36 2.66 23.17 0.56
CA ARG A 36 1.70 22.70 1.59
C ARG A 36 0.33 22.65 0.93
N MET A 37 0.00 23.66 0.15
CA MET A 37 -1.32 23.70 -0.50
C MET A 37 -1.45 22.54 -1.47
N ALA A 38 -0.40 22.23 -2.23
CA ALA A 38 -0.50 21.17 -3.25
C ALA A 38 -0.75 19.80 -2.61
N LEU A 39 -0.06 19.51 -1.52
CA LEU A 39 -0.26 18.23 -0.82
C LEU A 39 -1.66 18.17 -0.22
N LEU A 40 -2.11 19.27 0.39
CA LEU A 40 -3.47 19.32 1.01
C LEU A 40 -4.52 19.15 -0.08
N GLU A 41 -4.28 19.74 -1.24
CA GLU A 41 -5.24 19.62 -2.37
C GLU A 41 -5.21 18.20 -2.92
N ALA A 42 -4.18 17.44 -2.59
CA ALA A 42 -4.03 16.05 -3.09
C ALA A 42 -4.63 15.07 -2.10
N ASP A 43 -5.25 15.55 -1.03
CA ASP A 43 -5.91 14.69 -0.01
C ASP A 43 -4.86 14.05 0.90
N VAL A 44 -3.66 14.62 0.95
CA VAL A 44 -2.66 14.10 1.93
C VAL A 44 -3.13 14.56 3.30
N ALA A 45 -2.91 13.74 4.32
CA ALA A 45 -3.38 14.07 5.67
C ALA A 45 -2.58 15.22 6.27
N LEU A 46 -3.23 16.08 7.03
CA LEU A 46 -2.56 17.25 7.62
C LEU A 46 -1.43 16.82 8.55
N PRO A 47 -1.59 15.83 9.45
CA PRO A 47 -0.47 15.37 10.26
C PRO A 47 0.78 15.06 9.43
N VAL A 48 0.62 14.47 8.25
CA VAL A 48 1.75 14.14 7.35
C VAL A 48 2.29 15.42 6.71
N VAL A 49 1.40 16.29 6.23
CA VAL A 49 1.82 17.54 5.56
C VAL A 49 2.54 18.40 6.59
N ARG A 50 2.00 18.48 7.80
CA ARG A 50 2.57 19.37 8.83
C ARG A 50 3.98 18.93 9.16
N GLU A 51 4.15 17.63 9.38
CA GLU A 51 5.49 17.10 9.74
C GLU A 51 6.45 17.26 8.57
N PHE A 52 5.98 17.04 7.35
CA PHE A 52 6.84 17.20 6.15
C PHE A 52 7.32 18.65 6.04
N ILE A 53 6.42 19.60 6.20
CA ILE A 53 6.81 21.03 6.00
C ILE A 53 7.84 21.38 7.07
N ASN A 54 7.60 20.95 8.31
CA ASN A 54 8.50 21.29 9.43
C ASN A 54 9.88 20.70 9.18
N ARG A 55 9.92 19.46 8.69
CA ARG A 55 11.20 18.78 8.43
C ARG A 55 11.98 19.49 7.33
N VAL A 56 11.30 19.95 6.28
CA VAL A 56 12.00 20.73 5.22
C VAL A 56 12.51 22.04 5.80
N LYS A 57 11.65 22.78 6.51
CA LYS A 57 12.02 24.12 7.05
C LYS A 57 13.32 24.01 7.84
N GLU A 58 13.39 23.03 8.75
CA GLU A 58 14.57 22.88 9.62
C GLU A 58 15.81 22.58 8.76
N LYS A 59 15.65 21.76 7.73
CA LYS A 59 16.82 21.38 6.92
C LYS A 59 17.11 22.44 5.86
N ALA A 60 16.15 23.31 5.55
CA ALA A 60 16.32 24.27 4.43
C ALA A 60 16.66 25.66 4.94
N VAL A 61 17.17 25.73 6.16
CA VAL A 61 17.56 27.05 6.71
C VAL A 61 18.50 27.64 5.66
N GLY A 62 18.42 28.94 5.42
CA GLY A 62 19.20 29.52 4.31
C GLY A 62 20.67 29.18 4.41
N HIS A 63 21.21 29.08 5.62
CA HIS A 63 22.67 28.85 5.70
C HIS A 63 22.99 27.54 4.97
N GLU A 64 22.23 26.48 5.25
CA GLU A 64 22.50 25.16 4.62
C GLU A 64 22.21 25.20 3.12
N VAL A 65 21.08 25.78 2.71
CA VAL A 65 20.69 25.79 1.27
C VAL A 65 21.60 26.71 0.45
N ASN A 66 21.90 27.90 0.97
CA ASN A 66 22.68 28.89 0.18
C ASN A 66 24.16 28.50 0.09
N LYS A 67 24.62 27.56 0.91
CA LYS A 67 26.04 27.11 0.88
C LYS A 67 26.37 26.49 -0.49
N SER A 68 25.42 25.77 -1.11
CA SER A 68 25.64 25.12 -2.42
C SER A 68 25.70 26.14 -3.56
N LEU A 69 26.31 25.75 -4.67
CA LEU A 69 26.32 26.64 -5.86
C LEU A 69 24.93 26.52 -6.48
N THR A 70 24.26 25.38 -6.29
CA THR A 70 22.87 25.29 -6.72
C THR A 70 21.94 25.24 -5.52
N PRO A 71 21.62 26.39 -4.92
CA PRO A 71 20.72 26.38 -3.78
C PRO A 71 19.33 25.88 -4.16
N GLY A 72 18.84 26.22 -5.35
CA GLY A 72 17.55 25.71 -5.75
C GLY A 72 17.55 24.20 -5.79
N GLN A 73 18.60 23.64 -6.40
CA GLN A 73 18.77 22.20 -6.48
C GLN A 73 18.86 21.57 -5.10
N GLU A 74 19.56 22.19 -4.17
CA GLU A 74 19.62 21.62 -2.83
C GLU A 74 18.25 21.63 -2.17
N PHE A 75 17.46 22.68 -2.40
CA PHE A 75 16.12 22.73 -1.83
C PHE A 75 15.22 21.67 -2.43
N VAL A 76 15.28 21.51 -3.76
CA VAL A 76 14.49 20.48 -4.42
C VAL A 76 14.81 19.11 -3.82
N LYS A 77 16.06 18.88 -3.49
CA LYS A 77 16.37 17.52 -3.16
C LYS A 77 16.20 17.25 -1.68
N ILE A 78 16.00 18.28 -0.86
CA ILE A 78 15.41 18.07 0.46
C ILE A 78 13.96 17.63 0.36
N VAL A 79 13.20 18.28 -0.52
CA VAL A 79 11.80 17.96 -0.61
C VAL A 79 11.63 16.50 -1.02
N ARG A 80 12.40 16.07 -2.01
CA ARG A 80 12.43 14.67 -2.39
C ARG A 80 12.73 13.75 -1.20
N ASN A 81 13.82 14.02 -0.50
CA ASN A 81 14.22 13.12 0.61
C ASN A 81 13.10 13.01 1.64
N GLU A 82 12.41 14.10 1.94
CA GLU A 82 11.40 14.04 3.02
C GLU A 82 10.11 13.40 2.48
N LEU A 83 9.86 13.50 1.18
CA LEU A 83 8.68 12.83 0.59
C LEU A 83 8.86 11.31 0.71
N VAL A 84 10.08 10.84 0.46
CA VAL A 84 10.38 9.38 0.55
C VAL A 84 10.18 8.96 2.00
N ALA A 85 10.62 9.78 2.95
CA ALA A 85 10.54 9.39 4.37
C ALA A 85 9.07 9.19 4.72
N ALA A 86 8.23 10.08 4.24
CA ALA A 86 6.80 10.01 4.55
C ALA A 86 6.20 8.75 3.91
N MET A 87 6.55 8.49 2.65
CA MET A 87 5.92 7.36 1.93
C MET A 87 6.37 6.04 2.53
N GLY A 88 7.62 5.95 2.98
CA GLY A 88 7.98 4.68 3.62
C GLY A 88 9.45 4.47 3.85
N GLU A 89 9.81 3.28 4.30
CA GLU A 89 11.24 2.94 4.53
C GLU A 89 11.67 1.97 3.44
N GLU A 90 12.50 2.43 2.50
CA GLU A 90 13.08 1.50 1.50
C GLU A 90 11.98 0.62 0.91
N ASN A 91 12.24 -0.68 0.81
CA ASN A 91 11.25 -1.59 0.21
C ASN A 91 10.87 -2.65 1.23
N GLN A 92 9.58 -2.71 1.54
CA GLN A 92 9.12 -3.71 2.53
C GLN A 92 8.57 -4.89 1.74
N THR A 93 9.09 -6.07 2.05
CA THR A 93 8.71 -7.29 1.29
C THR A 93 7.96 -8.23 2.21
N LEU A 94 7.32 -9.26 1.65
CA LEU A 94 6.67 -10.29 2.47
C LEU A 94 7.75 -11.25 2.99
N ASN A 95 7.68 -11.64 4.25
CA ASN A 95 8.62 -12.62 4.83
C ASN A 95 8.10 -14.01 4.50
N LEU A 96 8.70 -14.62 3.49
CA LEU A 96 8.32 -15.99 3.09
C LEU A 96 9.51 -16.90 3.40
N ALA A 97 10.41 -16.44 4.28
CA ALA A 97 11.63 -17.20 4.63
C ALA A 97 11.45 -18.07 5.86
N ALA A 98 10.30 -17.98 6.52
CA ALA A 98 10.05 -18.74 7.75
C ALA A 98 9.56 -20.13 7.38
N GLN A 99 9.03 -20.87 8.34
CA GLN A 99 8.59 -22.27 8.08
C GLN A 99 7.50 -22.28 7.02
N PRO A 100 7.62 -23.11 5.97
CA PRO A 100 6.56 -23.26 4.99
C PRO A 100 5.45 -24.07 5.63
N PRO A 101 4.16 -23.94 5.23
CA PRO A 101 3.72 -22.92 4.28
C PRO A 101 3.66 -21.49 4.84
N ALA A 102 3.94 -20.49 4.01
CA ALA A 102 3.81 -19.08 4.44
C ALA A 102 2.40 -18.60 4.19
N VAL A 103 1.70 -18.21 5.25
CA VAL A 103 0.30 -17.81 5.16
C VAL A 103 0.20 -16.29 5.06
N VAL A 104 -0.29 -15.81 3.92
CA VAL A 104 -0.59 -14.40 3.72
C VAL A 104 -2.10 -14.21 3.74
N LEU A 105 -2.61 -13.67 4.84
CA LEU A 105 -4.03 -13.39 5.01
C LEU A 105 -4.35 -11.97 4.56
N MET A 106 -5.31 -11.82 3.66
CA MET A 106 -5.60 -10.51 3.05
C MET A 106 -6.99 -9.99 3.40
N ALA A 107 -7.04 -8.76 3.91
CA ALA A 107 -8.28 -8.09 4.30
C ALA A 107 -8.46 -6.81 3.51
N GLY A 108 -9.70 -6.33 3.53
CA GLY A 108 -10.08 -5.08 2.90
C GLY A 108 -11.60 -4.94 2.90
N LEU A 109 -12.09 -3.71 2.72
CA LEU A 109 -13.51 -3.55 2.49
C LEU A 109 -13.83 -3.85 1.03
N GLN A 110 -15.12 -4.13 0.79
CA GLN A 110 -15.54 -4.71 -0.48
C GLN A 110 -15.38 -3.71 -1.62
N GLY A 111 -14.73 -4.15 -2.71
CA GLY A 111 -14.40 -3.30 -3.83
C GLY A 111 -13.06 -2.62 -3.73
N ALA A 112 -12.34 -2.80 -2.61
CA ALA A 112 -10.96 -2.33 -2.58
C ALA A 112 -10.11 -3.06 -3.60
N GLY A 113 -10.47 -4.28 -3.97
CA GLY A 113 -9.75 -5.03 -4.93
C GLY A 113 -8.92 -6.16 -4.37
N LYS A 114 -9.29 -6.67 -3.18
CA LYS A 114 -8.49 -7.73 -2.57
C LYS A 114 -8.49 -9.00 -3.42
N THR A 115 -9.64 -9.40 -3.96
CA THR A 115 -9.66 -10.64 -4.75
C THR A 115 -8.71 -10.55 -5.95
N THR A 116 -8.88 -9.50 -6.76
CA THR A 116 -7.91 -9.14 -7.80
C THR A 116 -6.47 -9.22 -7.30
N SER A 117 -6.20 -8.53 -6.18
CA SER A 117 -4.85 -8.48 -5.65
C SER A 117 -4.36 -9.84 -5.24
N VAL A 118 -5.26 -10.73 -4.83
CA VAL A 118 -4.85 -12.10 -4.52
C VAL A 118 -4.22 -12.75 -5.75
N GLY A 119 -4.96 -12.77 -6.85
CA GLY A 119 -4.37 -13.12 -8.13
C GLY A 119 -3.04 -12.44 -8.43
N LYS A 120 -3.02 -11.10 -8.45
CA LYS A 120 -1.81 -10.36 -8.78
C LYS A 120 -0.62 -10.87 -7.99
N LEU A 121 -0.78 -11.00 -6.67
CA LEU A 121 0.31 -11.43 -5.80
C LEU A 121 0.79 -12.83 -6.13
N GLY A 122 -0.15 -13.75 -6.42
CA GLY A 122 0.22 -15.12 -6.78
C GLY A 122 1.01 -15.21 -8.07
N LYS A 123 0.69 -14.38 -9.05
CA LYS A 123 1.52 -14.33 -10.28
C LYS A 123 2.91 -13.83 -9.92
N PHE A 124 2.99 -12.78 -9.10
CA PHE A 124 4.30 -12.18 -8.76
C PHE A 124 5.16 -13.20 -8.03
N LEU A 125 4.56 -13.92 -7.07
CA LEU A 125 5.35 -14.88 -6.27
C LEU A 125 5.83 -16.06 -7.11
N ARG A 126 5.00 -16.61 -7.99
CA ARG A 126 5.45 -17.71 -8.86
C ARG A 126 6.43 -17.25 -9.93
N GLU A 127 6.10 -16.17 -10.62
CA GLU A 127 6.95 -15.72 -11.75
C GLU A 127 8.27 -15.11 -11.29
N LYS A 128 8.26 -14.32 -10.22
CA LYS A 128 9.49 -13.57 -9.83
C LYS A 128 10.21 -14.23 -8.65
N HIS A 129 9.61 -15.25 -8.04
CA HIS A 129 10.22 -15.84 -6.83
C HIS A 129 10.20 -17.36 -6.89
N LYS A 130 9.46 -17.93 -7.86
CA LYS A 130 9.43 -19.38 -8.06
C LYS A 130 8.89 -20.09 -6.83
N LYS A 131 7.80 -19.53 -6.28
CA LYS A 131 7.10 -20.04 -5.13
C LYS A 131 5.89 -20.85 -5.58
N LYS A 132 5.79 -22.08 -5.08
CA LYS A 132 4.62 -22.93 -5.28
C LYS A 132 3.49 -22.39 -4.40
N VAL A 133 2.44 -21.86 -5.04
CA VAL A 133 1.44 -21.01 -4.38
C VAL A 133 0.07 -21.68 -4.38
N LEU A 134 -0.64 -21.59 -3.26
CA LEU A 134 -2.03 -22.01 -3.18
C LEU A 134 -2.91 -20.90 -2.59
N VAL A 135 -4.07 -20.66 -3.21
CA VAL A 135 -5.01 -19.64 -2.76
C VAL A 135 -6.35 -20.28 -2.42
N VAL A 136 -7.08 -19.58 -1.55
CA VAL A 136 -8.37 -20.03 -1.04
C VAL A 136 -9.23 -18.82 -0.71
N SER A 137 -10.54 -19.00 -0.70
CA SER A 137 -11.49 -17.91 -0.40
C SER A 137 -12.38 -18.23 0.79
N ALA A 138 -12.45 -17.34 1.77
CA ALA A 138 -13.36 -17.53 2.91
C ALA A 138 -14.54 -16.56 2.76
N ASP A 139 -14.67 -15.96 1.58
CA ASP A 139 -15.83 -15.08 1.30
C ASP A 139 -16.96 -15.97 0.83
N VAL A 140 -17.71 -16.55 1.76
CA VAL A 140 -18.86 -17.44 1.43
C VAL A 140 -20.10 -16.58 1.28
N TYR A 141 -20.00 -15.30 1.63
CA TYR A 141 -21.15 -14.35 1.54
C TYR A 141 -21.51 -14.10 0.07
N ARG A 142 -20.51 -14.01 -0.82
CA ARG A 142 -20.84 -13.90 -2.27
C ARG A 142 -20.29 -15.17 -2.97
N PRO A 143 -21.16 -15.99 -3.58
CA PRO A 143 -20.73 -17.23 -4.25
C PRO A 143 -19.89 -16.99 -5.50
N ALA A 144 -20.32 -16.04 -6.32
CA ALA A 144 -19.64 -15.80 -7.60
C ALA A 144 -18.23 -15.30 -7.30
N ALA A 145 -18.03 -14.82 -6.08
CA ALA A 145 -16.71 -14.37 -5.68
C ALA A 145 -15.71 -15.52 -5.70
N ILE A 146 -16.06 -16.64 -5.05
CA ILE A 146 -15.16 -17.80 -5.00
C ILE A 146 -14.75 -18.20 -6.41
N LYS A 147 -15.73 -18.32 -7.32
CA LYS A 147 -15.40 -18.56 -8.72
C LYS A 147 -14.40 -17.52 -9.24
N GLN A 148 -14.62 -16.25 -8.92
CA GLN A 148 -13.71 -15.23 -9.45
C GLN A 148 -12.26 -15.56 -9.14
N LEU A 149 -11.96 -15.91 -7.88
CA LEU A 149 -10.63 -16.36 -7.51
C LEU A 149 -10.20 -17.53 -8.37
N GLU A 150 -11.08 -18.55 -8.47
CA GLU A 150 -10.78 -19.74 -9.26
C GLU A 150 -10.37 -19.38 -10.69
N THR A 151 -11.16 -18.53 -11.34
CA THR A 151 -10.79 -18.08 -12.68
C THR A 151 -9.46 -17.37 -12.66
N LEU A 152 -9.28 -16.45 -11.69
CA LEU A 152 -8.01 -15.75 -11.58
C LEU A 152 -6.87 -16.73 -11.44
N ALA A 153 -7.04 -17.76 -10.60
CA ALA A 153 -5.93 -18.62 -10.25
C ALA A 153 -5.40 -19.37 -11.47
N GLU A 154 -6.26 -19.61 -12.48
CA GLU A 154 -5.83 -20.32 -13.69
C GLU A 154 -5.19 -19.38 -14.72
N GLN A 155 -5.60 -18.11 -14.76
CA GLN A 155 -4.95 -17.13 -15.63
C GLN A 155 -3.51 -16.90 -15.24
N VAL A 156 -3.22 -16.96 -13.93
CA VAL A 156 -1.93 -16.57 -13.40
C VAL A 156 -1.08 -17.79 -13.11
N GLY A 157 -1.69 -18.97 -13.08
CA GLY A 157 -0.96 -20.21 -12.92
C GLY A 157 -0.66 -20.64 -11.51
N VAL A 158 -1.52 -20.30 -10.55
CA VAL A 158 -1.37 -20.87 -9.21
C VAL A 158 -2.46 -21.92 -8.97
N ASP A 159 -2.46 -22.55 -7.79
CA ASP A 159 -3.43 -23.60 -7.50
C ASP A 159 -4.56 -23.07 -6.62
N PHE A 160 -5.78 -23.53 -6.87
CA PHE A 160 -6.95 -23.10 -6.12
C PHE A 160 -7.44 -24.23 -5.20
N PHE A 161 -7.78 -23.87 -3.94
CA PHE A 161 -8.39 -24.77 -2.99
C PHE A 161 -9.88 -24.47 -2.90
N PRO A 162 -10.76 -25.41 -3.26
CA PRO A 162 -12.18 -25.04 -3.46
C PRO A 162 -12.92 -24.77 -2.15
N SER A 163 -13.91 -23.87 -2.23
CA SER A 163 -14.79 -23.57 -1.12
C SER A 163 -16.19 -23.29 -1.66
N ASP A 164 -17.17 -23.22 -0.75
CA ASP A 164 -18.56 -23.04 -1.14
C ASP A 164 -19.33 -22.29 -0.05
N VAL A 165 -20.56 -21.90 -0.41
CA VAL A 165 -21.33 -20.96 0.40
C VAL A 165 -21.64 -21.55 1.78
N GLY A 166 -21.88 -22.85 1.87
CA GLY A 166 -22.39 -23.40 3.11
C GLY A 166 -21.40 -23.45 4.27
N GLN A 167 -20.12 -23.29 4.02
CA GLN A 167 -19.15 -23.65 5.05
C GLN A 167 -18.58 -22.41 5.73
N LYS A 168 -17.88 -22.66 6.81
CA LYS A 168 -17.49 -21.68 7.82
C LYS A 168 -16.09 -21.18 7.58
N PRO A 169 -15.85 -19.88 7.53
CA PRO A 169 -14.51 -19.38 7.20
C PRO A 169 -13.40 -20.04 7.99
N VAL A 170 -13.58 -20.32 9.29
CA VAL A 170 -12.48 -20.93 10.04
C VAL A 170 -12.17 -22.33 9.51
N ASP A 171 -13.21 -23.15 9.30
CA ASP A 171 -13.01 -24.47 8.71
C ASP A 171 -12.34 -24.36 7.33
N ILE A 172 -12.70 -23.34 6.54
CA ILE A 172 -12.15 -23.21 5.19
C ILE A 172 -10.63 -22.97 5.23
N VAL A 173 -10.17 -22.09 6.12
CA VAL A 173 -8.72 -21.84 6.06
C VAL A 173 -7.97 -22.98 6.72
N ASN A 174 -8.58 -23.65 7.72
CA ASN A 174 -7.91 -24.77 8.35
C ASN A 174 -7.69 -25.89 7.34
N ALA A 175 -8.72 -26.21 6.55
CA ALA A 175 -8.54 -27.17 5.47
C ALA A 175 -7.40 -26.75 4.56
N ALA A 176 -7.36 -25.46 4.17
CA ALA A 176 -6.42 -24.96 3.18
C ALA A 176 -4.97 -25.02 3.66
N LEU A 177 -4.73 -24.72 4.93
CA LEU A 177 -3.39 -24.89 5.51
C LEU A 177 -3.00 -26.37 5.59
N LYS A 178 -3.92 -27.23 6.03
CA LYS A 178 -3.67 -28.67 6.08
C LYS A 178 -3.23 -29.18 4.71
N GLU A 179 -3.92 -28.73 3.68
CA GLU A 179 -3.63 -29.16 2.33
C GLU A 179 -2.35 -28.55 1.85
N ALA A 180 -2.10 -27.28 2.21
CA ALA A 180 -0.88 -26.59 1.78
C ALA A 180 0.36 -27.30 2.29
N LYS A 181 0.30 -27.80 3.53
CA LYS A 181 1.38 -28.60 4.10
C LYS A 181 1.55 -29.94 3.37
N LEU A 182 0.45 -30.67 3.17
CA LEU A 182 0.53 -31.98 2.53
C LEU A 182 1.14 -31.98 1.14
N LYS A 183 1.04 -30.90 0.37
CA LYS A 183 1.68 -30.88 -0.94
C LYS A 183 2.80 -29.86 -1.02
N PHE A 184 3.48 -29.59 0.10
CA PHE A 184 4.70 -28.77 0.15
C PHE A 184 4.56 -27.47 -0.63
N TYR A 185 3.54 -26.70 -0.27
CA TYR A 185 3.36 -25.38 -0.85
C TYR A 185 4.20 -24.39 -0.07
N ASP A 186 4.71 -23.39 -0.80
CA ASP A 186 5.54 -22.34 -0.20
C ASP A 186 4.67 -21.34 0.51
N VAL A 187 3.59 -20.90 -0.12
CA VAL A 187 2.74 -19.86 0.44
C VAL A 187 1.30 -20.25 0.22
N LEU A 188 0.44 -19.86 1.18
CA LEU A 188 -1.00 -19.94 1.05
C LEU A 188 -1.53 -18.53 1.19
N LEU A 189 -2.06 -17.99 0.09
CA LEU A 189 -2.85 -16.76 0.11
C LEU A 189 -4.33 -17.04 0.39
N VAL A 190 -4.90 -16.26 1.32
CA VAL A 190 -6.21 -16.48 1.93
C VAL A 190 -7.08 -15.24 1.70
N ASP A 191 -8.05 -15.34 0.79
CA ASP A 191 -8.99 -14.25 0.50
C ASP A 191 -10.10 -14.19 1.54
N THR A 192 -10.67 -13.00 1.73
CA THR A 192 -11.56 -12.72 2.84
C THR A 192 -12.80 -11.97 2.34
N ALA A 193 -13.80 -11.82 3.22
CA ALA A 193 -15.01 -11.00 2.90
C ALA A 193 -14.84 -9.57 3.44
N GLY A 194 -15.50 -8.60 2.80
CA GLY A 194 -15.43 -7.18 3.23
C GLY A 194 -16.82 -6.62 3.46
N ARG A 195 -16.97 -5.69 4.39
CA ARG A 195 -18.33 -5.23 4.77
C ARG A 195 -18.66 -3.78 4.41
N LEU A 196 -17.79 -3.05 3.71
CA LEU A 196 -18.03 -1.63 3.28
C LEU A 196 -17.70 -0.68 4.43
N HIS A 197 -17.51 -1.23 5.63
CA HIS A 197 -17.12 -0.42 6.82
C HIS A 197 -16.36 -1.34 7.76
N VAL A 198 -15.38 -0.82 8.49
CA VAL A 198 -14.67 -1.66 9.49
C VAL A 198 -15.60 -1.80 10.70
N ASP A 199 -16.23 -2.96 10.85
CA ASP A 199 -17.21 -3.17 11.94
C ASP A 199 -16.74 -4.39 12.72
N GLU A 200 -17.15 -4.51 13.98
CA GLU A 200 -16.68 -5.63 14.84
C GLU A 200 -17.17 -6.92 14.21
N ALA A 201 -18.22 -6.85 13.40
CA ALA A 201 -18.66 -8.08 12.70
C ALA A 201 -17.54 -8.56 11.81
N MET A 202 -16.90 -7.66 11.08
CA MET A 202 -15.82 -8.03 10.15
C MET A 202 -14.60 -8.41 10.97
N MET A 203 -14.26 -7.59 11.96
CA MET A 203 -13.04 -7.82 12.75
C MET A 203 -13.11 -9.16 13.46
N ASP A 204 -14.27 -9.53 13.96
CA ASP A 204 -14.33 -10.80 14.74
C ASP A 204 -13.95 -11.94 13.80
N GLU A 205 -14.51 -11.96 12.60
CA GLU A 205 -14.25 -13.06 11.65
C GLU A 205 -12.77 -13.10 11.27
N ILE A 206 -12.18 -11.95 10.96
CA ILE A 206 -10.77 -11.93 10.51
C ILE A 206 -9.92 -12.44 11.67
N LYS A 207 -10.25 -12.03 12.89
CA LYS A 207 -9.41 -12.39 14.05
C LYS A 207 -9.62 -13.86 14.38
N GLN A 208 -10.72 -14.46 13.97
CA GLN A 208 -10.86 -15.90 14.19
C GLN A 208 -10.03 -16.67 13.20
N VAL A 209 -10.23 -16.37 11.90
CA VAL A 209 -9.32 -16.86 10.86
C VAL A 209 -7.88 -16.66 11.28
N HIS A 210 -7.52 -15.39 11.53
CA HIS A 210 -6.16 -15.01 11.91
C HIS A 210 -5.61 -15.86 13.04
N ALA A 211 -6.44 -16.12 14.04
CA ALA A 211 -6.00 -16.87 15.21
C ALA A 211 -5.71 -18.33 14.87
N SER A 212 -6.57 -18.97 14.09
CA SER A 212 -6.44 -20.40 13.85
C SER A 212 -5.30 -20.74 12.89
N ILE A 213 -4.76 -19.74 12.21
CA ILE A 213 -3.91 -19.95 11.05
C ILE A 213 -2.58 -19.20 11.15
N ASN A 214 -2.35 -18.42 12.25
CA ASN A 214 -1.08 -17.73 12.44
C ASN A 214 -0.34 -17.31 11.19
N PRO A 215 -0.88 -16.30 10.51
CA PRO A 215 -0.24 -15.79 9.30
C PRO A 215 1.01 -15.01 9.65
N VAL A 216 1.96 -15.07 8.73
CA VAL A 216 3.19 -14.34 8.88
C VAL A 216 3.01 -12.93 8.37
N GLU A 217 2.10 -12.75 7.42
CA GLU A 217 1.77 -11.45 6.85
C GLU A 217 0.25 -11.26 6.87
N THR A 218 -0.20 -10.16 7.46
CA THR A 218 -1.59 -9.71 7.35
C THR A 218 -1.61 -8.41 6.54
N LEU A 219 -2.19 -8.48 5.35
CA LEU A 219 -2.12 -7.41 4.36
C LEU A 219 -3.49 -6.75 4.23
N PHE A 220 -3.55 -5.43 4.42
CA PHE A 220 -4.79 -4.70 4.25
C PHE A 220 -4.82 -4.10 2.85
N VAL A 221 -5.77 -4.55 2.03
CA VAL A 221 -5.97 -3.98 0.70
C VAL A 221 -6.91 -2.79 0.83
N VAL A 222 -6.43 -1.63 0.37
CA VAL A 222 -7.16 -0.39 0.51
C VAL A 222 -7.18 0.37 -0.81
N ASP A 223 -8.32 1.01 -1.10
CA ASP A 223 -8.58 1.60 -2.40
C ASP A 223 -8.08 3.04 -2.42
N ALA A 224 -7.22 3.37 -3.39
CA ALA A 224 -6.55 4.66 -3.38
C ALA A 224 -7.49 5.81 -3.69
N MET A 225 -8.57 5.56 -4.37
CA MET A 225 -9.41 6.66 -4.78
C MET A 225 -10.39 7.03 -3.69
N THR A 226 -10.20 6.48 -2.51
CA THR A 226 -10.85 6.95 -1.32
C THR A 226 -9.97 7.96 -0.60
N GLY A 227 -8.86 8.35 -1.22
CA GLY A 227 -7.96 9.34 -0.71
C GLY A 227 -7.54 9.17 0.73
N GLN A 228 -7.82 10.19 1.54
CA GLN A 228 -7.43 10.18 2.94
C GLN A 228 -8.14 9.10 3.74
N ASP A 229 -9.30 8.63 3.27
CA ASP A 229 -10.01 7.56 3.97
C ASP A 229 -9.20 6.28 4.00
N ALA A 230 -8.43 6.02 2.94
CA ALA A 230 -7.61 4.82 2.88
C ALA A 230 -6.75 4.69 4.13
N ALA A 231 -6.07 5.76 4.51
CA ALA A 231 -5.26 5.70 5.73
C ALA A 231 -6.12 5.52 6.97
N ASN A 232 -7.29 6.18 7.01
CA ASN A 232 -8.14 6.10 8.19
C ASN A 232 -8.78 4.73 8.30
N THR A 233 -9.16 4.13 7.16
CA THR A 233 -9.68 2.77 7.13
C THR A 233 -8.61 1.75 7.55
N ALA A 234 -7.39 1.90 7.05
CA ALA A 234 -6.33 1.00 7.46
C ALA A 234 -5.88 1.26 8.89
N LYS A 235 -5.94 2.50 9.36
CA LYS A 235 -5.67 2.73 10.77
C LYS A 235 -6.70 2.03 11.65
N ALA A 236 -7.92 1.84 11.13
CA ALA A 236 -8.97 1.15 11.88
C ALA A 236 -8.69 -0.35 11.96
N PHE A 237 -8.54 -1.00 10.81
CA PHE A 237 -8.22 -2.42 10.83
C PHE A 237 -6.97 -2.69 11.65
N ASN A 238 -5.93 -1.87 11.49
CA ASN A 238 -4.67 -2.06 12.23
C ASN A 238 -4.92 -2.01 13.72
N GLU A 239 -5.80 -1.11 14.17
CA GLU A 239 -6.08 -1.01 15.59
C GLU A 239 -6.83 -2.23 16.11
N ALA A 240 -7.70 -2.83 15.27
CA ALA A 240 -8.47 -4.02 15.67
C ALA A 240 -7.65 -5.31 15.61
N LEU A 241 -6.78 -5.44 14.61
CA LEU A 241 -5.93 -6.61 14.35
C LEU A 241 -4.70 -6.18 13.57
N PRO A 242 -3.48 -6.30 14.12
CA PRO A 242 -2.35 -5.58 13.54
C PRO A 242 -2.01 -6.07 12.14
N LEU A 243 -1.59 -5.12 11.29
CA LEU A 243 -1.17 -5.36 9.92
C LEU A 243 0.32 -5.56 9.83
N THR A 244 0.75 -6.28 8.79
CA THR A 244 2.15 -6.25 8.39
C THR A 244 2.40 -5.36 7.18
N GLY A 245 1.41 -5.21 6.30
CA GLY A 245 1.56 -4.42 5.09
C GLY A 245 0.23 -3.93 4.56
N VAL A 246 0.32 -2.99 3.63
CA VAL A 246 -0.84 -2.47 2.92
C VAL A 246 -0.61 -2.63 1.42
N VAL A 247 -1.63 -3.07 0.71
CA VAL A 247 -1.69 -3.00 -0.75
C VAL A 247 -2.63 -1.85 -1.10
N LEU A 248 -2.10 -0.83 -1.76
CA LEU A 248 -2.88 0.30 -2.26
C LEU A 248 -3.27 0.05 -3.72
N THR A 249 -4.56 -0.21 -3.94
CA THR A 249 -5.07 -0.54 -5.29
C THR A 249 -5.65 0.68 -6.02
N LYS A 250 -5.84 0.57 -7.33
CA LYS A 250 -6.47 1.63 -8.14
C LYS A 250 -5.66 2.92 -8.10
N VAL A 251 -4.33 2.81 -8.05
CA VAL A 251 -3.44 4.01 -8.04
C VAL A 251 -3.51 4.68 -9.41
N ASP A 252 -3.81 3.92 -10.44
CA ASP A 252 -3.87 4.48 -11.82
C ASP A 252 -4.95 5.56 -11.90
N GLY A 253 -6.07 5.38 -11.20
CA GLY A 253 -7.17 6.34 -11.31
C GLY A 253 -7.19 7.47 -10.29
N ASP A 254 -6.40 7.42 -9.21
CA ASP A 254 -6.55 8.48 -8.18
C ASP A 254 -6.21 9.85 -8.75
N ALA A 255 -5.06 9.99 -9.41
CA ALA A 255 -4.69 11.26 -10.07
C ALA A 255 -4.43 12.35 -9.02
N ARG A 256 -4.47 11.98 -7.75
CA ARG A 256 -4.26 12.97 -6.67
C ARG A 256 -3.11 12.49 -5.80
N GLY A 257 -3.16 11.24 -5.37
CA GLY A 257 -2.14 10.74 -4.42
C GLY A 257 -2.59 11.04 -3.01
N GLY A 258 -1.71 10.90 -2.03
CA GLY A 258 -2.09 11.30 -0.67
C GLY A 258 -2.27 10.10 0.19
N ALA A 259 -2.93 9.08 -0.35
CA ALA A 259 -3.10 7.82 0.40
C ALA A 259 -1.70 7.21 0.53
N ALA A 260 -0.93 7.26 -0.56
CA ALA A 260 0.43 6.73 -0.58
C ALA A 260 1.32 7.52 0.37
N LEU A 261 1.24 8.84 0.35
CA LEU A 261 2.02 9.67 1.29
C LEU A 261 1.50 9.50 2.72
N SER A 262 0.19 9.46 2.88
CA SER A 262 -0.44 9.34 4.22
C SER A 262 -0.37 7.98 4.92
N ILE A 263 -0.56 6.85 4.23
CA ILE A 263 -0.68 5.52 4.91
C ILE A 263 0.45 5.19 5.87
N ARG A 264 1.70 5.35 5.46
CA ARG A 264 2.81 4.92 6.32
C ARG A 264 2.83 5.66 7.65
N HIS A 265 2.43 6.93 7.67
CA HIS A 265 2.57 7.64 8.93
C HIS A 265 1.29 7.67 9.75
N ILE A 266 0.14 7.60 9.10
CA ILE A 266 -1.13 7.49 9.81
C ILE A 266 -1.27 6.11 10.47
N THR A 267 -0.95 5.04 9.73
CA THR A 267 -1.11 3.68 10.27
C THR A 267 0.12 3.20 11.04
N GLY A 268 1.31 3.67 10.68
CA GLY A 268 2.53 3.15 11.27
C GLY A 268 3.03 1.83 10.69
N LYS A 269 2.43 1.35 9.60
CA LYS A 269 2.83 0.14 8.92
C LYS A 269 3.03 0.46 7.45
N PRO A 270 3.86 -0.32 6.75
CA PRO A 270 4.20 0.02 5.37
C PRO A 270 3.15 -0.35 4.31
N ILE A 271 3.16 0.44 3.24
CA ILE A 271 2.65 0.02 1.94
C ILE A 271 3.66 -0.95 1.33
N LYS A 272 3.25 -2.19 1.09
CA LYS A 272 4.18 -3.13 0.50
C LYS A 272 3.96 -3.31 -0.99
N PHE A 273 2.73 -3.22 -1.45
CA PHE A 273 2.43 -3.39 -2.85
C PHE A 273 1.53 -2.26 -3.28
N LEU A 274 1.27 -2.21 -4.58
CA LEU A 274 0.60 -1.11 -5.21
C LEU A 274 -0.13 -1.65 -6.42
N GLY A 275 -1.46 -1.49 -6.47
CA GLY A 275 -2.25 -1.98 -7.57
C GLY A 275 -2.45 -0.90 -8.61
N VAL A 276 -1.94 -1.14 -9.80
CA VAL A 276 -1.83 -0.07 -10.79
C VAL A 276 -2.56 -0.44 -12.07
N GLY A 277 -3.52 -1.35 -11.96
CA GLY A 277 -4.27 -1.78 -13.15
C GLY A 277 -5.23 -2.91 -12.87
N GLU A 278 -6.26 -3.04 -13.71
CA GLU A 278 -7.21 -4.17 -13.58
C GLU A 278 -6.51 -5.47 -13.96
N LYS A 279 -5.47 -5.38 -14.76
CA LYS A 279 -4.77 -6.59 -15.29
C LYS A 279 -3.97 -7.32 -14.20
N THR A 280 -3.73 -8.61 -14.39
CA THR A 280 -3.00 -9.45 -13.41
C THR A 280 -1.56 -8.95 -13.24
N GLU A 281 -0.97 -8.48 -14.32
CA GLU A 281 0.44 -7.98 -14.29
C GLU A 281 0.56 -6.71 -13.46
N ALA A 282 -0.54 -6.00 -13.23
CA ALA A 282 -0.45 -4.66 -12.61
C ALA A 282 -0.27 -4.68 -11.09
N LEU A 283 0.77 -5.35 -10.63
CA LEU A 283 1.12 -5.29 -9.19
C LEU A 283 2.54 -4.75 -9.21
N GLU A 284 2.85 -3.80 -8.35
CA GLU A 284 4.19 -3.20 -8.38
C GLU A 284 4.71 -3.08 -6.96
N PRO A 285 5.84 -3.73 -6.58
CA PRO A 285 6.39 -3.49 -5.25
C PRO A 285 6.59 -2.00 -5.00
N PHE A 286 6.43 -1.61 -3.74
CA PHE A 286 6.45 -0.17 -3.40
C PHE A 286 7.85 0.34 -3.11
N HIS A 287 8.39 1.10 -4.03
CA HIS A 287 9.70 1.74 -3.78
C HIS A 287 9.43 3.24 -3.66
N PRO A 288 9.58 3.81 -2.46
CA PRO A 288 9.30 5.22 -2.26
C PRO A 288 10.19 6.16 -3.08
N ASP A 289 11.46 5.81 -3.28
CA ASP A 289 12.40 6.69 -4.01
C ASP A 289 11.89 6.92 -5.44
N ARG A 290 11.40 5.88 -6.09
CA ARG A 290 10.90 5.99 -7.47
C ARG A 290 9.67 6.89 -7.54
N ILE A 291 8.76 6.74 -6.58
CA ILE A 291 7.52 7.56 -6.57
C ILE A 291 7.87 9.04 -6.37
N ALA A 292 8.79 9.34 -5.46
CA ALA A 292 9.16 10.74 -5.18
C ALA A 292 9.75 11.37 -6.43
N SER A 293 10.56 10.61 -7.15
CA SER A 293 11.20 11.13 -8.38
C SER A 293 10.14 11.48 -9.41
N ARG A 294 9.13 10.63 -9.57
CA ARG A 294 8.07 10.89 -10.57
C ARG A 294 7.28 12.13 -10.18
N ILE A 295 7.00 12.32 -8.89
CA ILE A 295 6.18 13.47 -8.42
C ILE A 295 6.91 14.77 -8.75
N LEU A 296 8.23 14.80 -8.61
CA LEU A 296 8.98 16.06 -8.82
C LEU A 296 9.53 16.16 -10.24
N GLY A 297 9.31 15.17 -11.11
CA GLY A 297 9.90 15.20 -12.44
C GLY A 297 11.16 14.37 -12.56
#